data_3HWG
#
_entry.id   3HWG
#
_cell.length_a   114.084
_cell.length_b   114.084
_cell.length_c   118.422
_cell.angle_alpha   90.00
_cell.angle_beta   90.00
_cell.angle_gamma   90.00
#
_symmetry.space_group_name_H-M   'P 41 21 2'
#
loop_
_entity.id
_entity.type
_entity.pdbx_description
1 polymer 'Neutrophil gelatinase-associated lipocalin'
2 non-polymer 'FE (III) ION'
3 non-polymer "N,N'-{[(2-{[(2,3-dihydroxyphenyl)carbonyl]amino}ethyl)imino]diethane-2,1-diyl}bis(1-hydroxy-6-oxo-1,6-dihydropyridine-2 -carboxamide)"
4 non-polymer GLYCEROL
5 non-polymer 'SODIUM ION'
6 non-polymer 'SULFATE ION'
7 non-polymer 'CHLORIDE ION'
8 water water
#
_entity_poly.entity_id   1
_entity_poly.type   'polypeptide(L)'
_entity_poly.pdbx_seq_one_letter_code
;MPLGLLWLGLALLGALHAQAQDSTSDLIPAPPLSKVPLQQNFQDNQFQGKWYVVGLAGNAILREDKDPQKMYATIYELKE
DKSYNVTSVLFRKKKCDYWIRTFVPGSQPGEFTLGNIKSYPGLTSYLVRVVSTNYNQHAMVFFKKVSQNREYFKITLYGR
TKELTSELKENFIRFSKSLGLPENHIVFPVPIDQCIDG
;
_entity_poly.pdbx_strand_id   A,B,C
#
# COMPACT_ATOMS: atom_id res chain seq x y z
N THR A 24 -28.20 -11.18 -25.30
CA THR A 24 -28.48 -11.52 -23.88
C THR A 24 -27.23 -11.43 -22.99
N SER A 25 -26.06 -11.23 -23.61
CA SER A 25 -24.80 -11.05 -22.88
C SER A 25 -23.72 -10.42 -23.74
N ASP A 26 -23.10 -9.36 -23.22
CA ASP A 26 -21.96 -8.69 -23.88
C ASP A 26 -20.76 -8.70 -22.93
N LEU A 27 -19.60 -9.12 -23.44
CA LEU A 27 -18.37 -9.22 -22.64
C LEU A 27 -17.19 -8.59 -23.35
N ILE A 28 -16.34 -7.91 -22.59
CA ILE A 28 -15.04 -7.47 -23.09
C ILE A 28 -14.23 -8.73 -23.38
N PRO A 29 -13.59 -8.82 -24.57
CA PRO A 29 -12.91 -10.06 -24.92
C PRO A 29 -11.73 -10.37 -24.01
N ALA A 30 -11.50 -11.66 -23.75
CA ALA A 30 -10.34 -12.08 -22.99
C ALA A 30 -9.07 -11.70 -23.75
N PRO A 31 -8.04 -11.23 -23.03
CA PRO A 31 -6.81 -10.84 -23.71
C PRO A 31 -6.06 -12.06 -24.22
N PRO A 32 -5.16 -11.86 -25.21
CA PRO A 32 -4.29 -12.96 -25.58
C PRO A 32 -3.31 -13.24 -24.43
N LEU A 33 -2.99 -14.52 -24.21
CA LEU A 33 -2.10 -14.92 -23.14
C LEU A 33 -0.73 -14.24 -23.22
N SER A 34 -0.35 -13.80 -24.43
CA SER A 34 0.86 -13.02 -24.63
C SER A 34 0.89 -11.70 -23.84
N LYS A 35 -0.28 -11.14 -23.56
CA LYS A 35 -0.39 -9.92 -22.75
C LYS A 35 -0.39 -10.18 -21.23
N VAL A 36 -0.35 -11.45 -20.84
CA VAL A 36 -0.39 -11.82 -19.42
C VAL A 36 0.96 -12.41 -19.01
N PRO A 37 1.79 -11.63 -18.29
CA PRO A 37 3.08 -12.15 -17.85
C PRO A 37 2.96 -13.30 -16.87
N LEU A 38 4.04 -14.09 -16.77
CA LEU A 38 4.12 -15.19 -15.83
C LEU A 38 5.21 -14.87 -14.80
N GLN A 39 4.93 -15.13 -13.53
CA GLN A 39 5.93 -14.97 -12.48
C GLN A 39 7.07 -15.95 -12.71
N GLN A 40 8.27 -15.42 -12.93
CA GLN A 40 9.44 -16.26 -13.19
C GLN A 40 9.85 -17.03 -11.94
N ASN A 41 10.34 -18.25 -12.14
CA ASN A 41 10.77 -19.10 -11.03
CA ASN A 41 10.73 -19.16 -11.06
C ASN A 41 9.69 -19.20 -9.93
N PHE A 42 8.49 -19.67 -10.29
CA PHE A 42 7.39 -19.78 -9.34
C PHE A 42 7.68 -20.84 -8.28
N GLN A 43 7.59 -20.44 -7.01
CA GLN A 43 7.79 -21.36 -5.89
C GLN A 43 6.44 -21.75 -5.31
N ASP A 44 5.99 -22.96 -5.61
CA ASP A 44 4.64 -23.42 -5.24
C ASP A 44 4.45 -23.55 -3.72
N ASN A 45 5.51 -23.92 -3.00
CA ASN A 45 5.45 -24.02 -1.54
C ASN A 45 5.29 -22.65 -0.85
N GLN A 46 5.94 -21.63 -1.41
CA GLN A 46 5.88 -20.27 -0.84
C GLN A 46 4.58 -19.53 -1.15
N PHE A 47 3.84 -19.98 -2.16
CA PHE A 47 2.58 -19.35 -2.53
C PHE A 47 1.41 -19.87 -1.68
N GLN A 48 1.66 -20.90 -0.88
CA GLN A 48 0.65 -21.47 0.03
C GLN A 48 0.14 -20.48 1.06
N GLY A 49 -0.97 -20.85 1.70
CA GLY A 49 -1.53 -20.08 2.81
C GLY A 49 -2.65 -19.16 2.38
N LYS A 50 -3.02 -18.25 3.28
CA LYS A 50 -4.14 -17.35 3.05
C LYS A 50 -3.71 -16.08 2.30
N TRP A 51 -4.50 -15.74 1.28
CA TRP A 51 -4.37 -14.46 0.60
C TRP A 51 -5.70 -13.73 0.69
N TYR A 52 -5.64 -12.43 0.93
CA TYR A 52 -6.84 -11.58 0.89
C TYR A 52 -6.98 -11.00 -0.51
N VAL A 53 -8.20 -11.00 -1.03
CA VAL A 53 -8.48 -10.38 -2.31
C VAL A 53 -8.72 -8.89 -2.11
N VAL A 54 -7.67 -8.10 -2.30
CA VAL A 54 -7.75 -6.65 -2.08
C VAL A 54 -8.10 -5.90 -3.37
N GLY A 55 -7.87 -6.55 -4.52
CA GLY A 55 -8.31 -6.01 -5.81
C GLY A 55 -8.92 -7.10 -6.67
N LEU A 56 -9.98 -6.75 -7.39
CA LEU A 56 -10.70 -7.70 -8.24
C LEU A 56 -11.10 -6.99 -9.54
N ALA A 57 -10.69 -7.57 -10.67
CA ALA A 57 -11.03 -7.02 -11.98
C ALA A 57 -11.38 -8.14 -12.95
N GLY A 58 -12.28 -7.87 -13.89
CA GLY A 58 -12.67 -8.86 -14.87
C GLY A 58 -13.82 -8.41 -15.76
N ASN A 59 -14.06 -9.16 -16.84
CA ASN A 59 -15.12 -8.80 -17.79
C ASN A 59 -16.54 -9.09 -17.29
N ALA A 60 -16.65 -9.92 -16.26
CA ALA A 60 -17.93 -10.15 -15.58
C ALA A 60 -17.98 -9.48 -14.20
N ILE A 61 -16.93 -8.75 -13.85
CA ILE A 61 -16.88 -7.99 -12.60
C ILE A 61 -17.40 -6.58 -12.85
N LEU A 62 -18.40 -6.17 -12.08
CA LEU A 62 -18.99 -4.83 -12.20
C LEU A 62 -18.95 -4.11 -10.87
N ARG A 63 -18.60 -2.83 -10.91
CA ARG A 63 -18.60 -2.00 -9.71
CA ARG A 63 -18.60 -1.99 -9.73
C ARG A 63 -20.04 -1.73 -9.30
N GLU A 64 -20.29 -1.79 -8.00
CA GLU A 64 -21.61 -1.51 -7.46
C GLU A 64 -21.46 -0.82 -6.12
N ASP A 65 -22.19 0.29 -5.98
CA ASP A 65 -21.95 1.26 -4.94
C ASP A 65 -23.11 1.28 -3.94
N LYS A 66 -24.24 0.71 -4.35
CA LYS A 66 -25.34 0.39 -3.45
C LYS A 66 -25.03 -0.85 -2.60
N ASP A 67 -24.30 -1.80 -3.18
CA ASP A 67 -23.82 -2.98 -2.44
C ASP A 67 -22.37 -3.32 -2.84
N PRO A 68 -21.40 -2.60 -2.27
CA PRO A 68 -19.98 -2.84 -2.55
C PRO A 68 -19.53 -4.26 -2.24
N GLN A 69 -18.66 -4.79 -3.11
CA GLN A 69 -18.08 -6.11 -2.91
C GLN A 69 -17.33 -6.16 -1.58
N LYS A 70 -17.62 -7.18 -0.77
CA LYS A 70 -16.89 -7.39 0.47
C LYS A 70 -15.64 -8.20 0.19
N MET A 71 -14.56 -7.88 0.89
CA MET A 71 -13.32 -8.62 0.78
C MET A 71 -13.55 -10.08 1.15
N TYR A 72 -12.93 -10.98 0.40
CA TYR A 72 -12.90 -12.38 0.75
C TYR A 72 -11.46 -12.88 0.73
N ALA A 73 -11.27 -14.11 1.18
CA ALA A 73 -9.94 -14.69 1.29
C ALA A 73 -9.89 -15.99 0.51
N THR A 74 -8.71 -16.31 -0.02
CA THR A 74 -8.50 -17.56 -0.75
C THR A 74 -7.27 -18.24 -0.18
N ILE A 75 -7.45 -19.48 0.28
CA ILE A 75 -6.38 -20.24 0.93
C ILE A 75 -5.87 -21.33 -0.01
N TYR A 76 -4.56 -21.32 -0.25
CA TYR A 76 -3.89 -22.30 -1.11
C TYR A 76 -3.14 -23.31 -0.26
N GLU A 77 -3.45 -24.59 -0.45
CA GLU A 77 -2.76 -25.69 0.24
C GLU A 77 -2.23 -26.70 -0.76
N LEU A 78 -0.91 -26.87 -0.82
CA LEU A 78 -0.28 -27.89 -1.68
C LEU A 78 -0.51 -29.27 -1.10
N LYS A 79 -1.00 -30.18 -1.94
CA LYS A 79 -1.12 -31.59 -1.58
C LYS A 79 0.16 -32.34 -1.94
N GLU A 80 0.19 -33.64 -1.67
CA GLU A 80 1.38 -34.46 -1.96
C GLU A 80 1.69 -34.53 -3.45
N ASP A 81 0.66 -34.55 -4.28
CA ASP A 81 0.83 -34.59 -5.74
C ASP A 81 1.06 -33.20 -6.37
N LYS A 82 1.26 -32.18 -5.53
CA LYS A 82 1.63 -30.82 -5.94
C LYS A 82 0.49 -30.03 -6.60
N SER A 83 -0.74 -30.53 -6.49
CA SER A 83 -1.92 -29.75 -6.85
C SER A 83 -2.33 -28.94 -5.63
N TYR A 84 -2.91 -27.76 -5.87
CA TYR A 84 -3.43 -26.94 -4.79
C TYR A 84 -4.87 -27.29 -4.48
N ASN A 85 -5.18 -27.43 -3.19
CA ASN A 85 -6.55 -27.28 -2.73
C ASN A 85 -6.77 -25.78 -2.52
N VAL A 86 -7.72 -25.21 -3.25
CA VAL A 86 -7.98 -23.78 -3.17
C VAL A 86 -9.36 -23.53 -2.58
N THR A 87 -9.38 -22.98 -1.37
CA THR A 87 -10.61 -22.69 -0.65
C THR A 87 -10.79 -21.18 -0.51
N SER A 88 -11.86 -20.66 -1.09
CA SER A 88 -12.22 -19.25 -0.93
C SER A 88 -13.30 -19.12 0.14
N VAL A 89 -13.12 -18.15 1.04
CA VAL A 89 -14.05 -17.94 2.15
C VAL A 89 -14.74 -16.60 1.99
N LEU A 90 -16.06 -16.63 1.81
CA LEU A 90 -16.86 -15.44 1.49
C LEU A 90 -17.89 -15.19 2.59
N PHE A 91 -18.08 -13.93 2.97
CA PHE A 91 -19.14 -13.54 3.90
C PHE A 91 -20.39 -13.14 3.11
N ARG A 92 -21.39 -14.01 3.11
CA ARG A 92 -22.61 -13.80 2.32
C ARG A 92 -23.85 -14.27 3.08
N LYS A 93 -24.88 -13.41 3.13
CA LYS A 93 -26.13 -13.73 3.80
C LYS A 93 -25.91 -14.05 5.28
N LYS A 94 -25.06 -13.25 5.93
CA LYS A 94 -24.71 -13.39 7.35
C LYS A 94 -24.03 -14.72 7.69
N LYS A 95 -23.55 -15.45 6.68
CA LYS A 95 -22.85 -16.71 6.88
C LYS A 95 -21.55 -16.74 6.07
N CYS A 96 -20.66 -17.65 6.45
CA CYS A 96 -19.43 -17.86 5.70
C CYS A 96 -19.66 -18.92 4.63
N ASP A 97 -19.47 -18.53 3.37
CA ASP A 97 -19.60 -19.44 2.23
C ASP A 97 -18.22 -19.90 1.80
N TYR A 98 -18.10 -21.18 1.48
CA TYR A 98 -16.83 -21.77 1.10
C TYR A 98 -16.85 -22.28 -0.35
N TRP A 99 -16.02 -21.67 -1.20
CA TRP A 99 -15.90 -22.06 -2.59
C TRP A 99 -14.61 -22.85 -2.77
N ILE A 100 -14.75 -24.14 -3.08
CA ILE A 100 -13.63 -25.06 -3.11
C ILE A 100 -13.30 -25.49 -4.53
N ARG A 101 -12.02 -25.51 -4.85
CA ARG A 101 -11.56 -25.99 -6.15
C ARG A 101 -10.11 -26.47 -6.07
N THR A 102 -9.66 -27.11 -7.15
CA THR A 102 -8.35 -27.72 -7.22
C THR A 102 -7.60 -27.14 -8.42
N PHE A 103 -6.42 -26.60 -8.18
CA PHE A 103 -5.56 -26.13 -9.25
C PHE A 103 -4.46 -27.17 -9.51
N VAL A 104 -4.54 -27.80 -10.68
CA VAL A 104 -3.53 -28.78 -11.10
C VAL A 104 -2.46 -28.08 -11.93
N PRO A 105 -1.17 -28.36 -11.65
CA PRO A 105 -0.07 -27.72 -12.38
C PRO A 105 -0.22 -27.81 -13.90
N GLY A 106 0.00 -26.69 -14.59
CA GLY A 106 -0.23 -26.60 -16.02
C GLY A 106 1.03 -26.78 -16.83
N SER A 107 1.09 -26.07 -17.96
CA SER A 107 2.19 -26.21 -18.93
C SER A 107 3.54 -25.71 -18.40
N GLN A 108 3.52 -24.82 -17.41
CA GLN A 108 4.75 -24.30 -16.81
C GLN A 108 4.51 -23.81 -15.38
N PRO A 109 5.58 -23.71 -14.56
CA PRO A 109 5.41 -23.30 -13.17
C PRO A 109 4.76 -21.93 -13.03
N GLY A 110 3.71 -21.85 -12.22
CA GLY A 110 2.92 -20.63 -12.07
C GLY A 110 1.61 -20.68 -12.85
N GLU A 111 1.46 -21.68 -13.72
CA GLU A 111 0.23 -21.90 -14.47
C GLU A 111 -0.50 -23.13 -13.95
N PHE A 112 -1.83 -23.07 -13.98
CA PHE A 112 -2.66 -24.17 -13.50
C PHE A 112 -3.94 -24.34 -14.31
N THR A 113 -4.51 -25.53 -14.23
CA THR A 113 -5.83 -25.82 -14.77
C THR A 113 -6.70 -26.36 -13.65
N LEU A 114 -8.01 -26.38 -13.86
CA LEU A 114 -8.97 -26.75 -12.82
C LEU A 114 -9.17 -28.27 -12.78
N GLY A 115 -9.06 -28.85 -11.58
CA GLY A 115 -9.28 -30.27 -11.40
C GLY A 115 -10.77 -30.62 -11.38
N ASN A 116 -11.11 -31.78 -11.93
CA ASN A 116 -12.50 -32.24 -12.00
C ASN A 116 -13.45 -31.19 -12.61
N ILE A 117 -13.18 -30.82 -13.86
CA ILE A 117 -13.96 -29.80 -14.56
C ILE A 117 -15.38 -30.30 -14.88
N LYS A 118 -15.56 -31.63 -14.89
CA LYS A 118 -16.86 -32.25 -15.16
C LYS A 118 -17.91 -31.97 -14.09
N SER A 119 -17.48 -31.67 -12.87
CA SER A 119 -18.39 -31.35 -11.77
C SER A 119 -19.05 -29.98 -11.94
N TYR A 120 -18.46 -29.10 -12.73
CA TYR A 120 -18.99 -27.76 -13.00
C TYR A 120 -19.77 -27.76 -14.32
N PRO A 121 -21.12 -27.68 -14.25
CA PRO A 121 -21.91 -27.72 -15.48
C PRO A 121 -21.67 -26.53 -16.40
N GLY A 122 -21.40 -26.80 -17.68
CA GLY A 122 -21.17 -25.75 -18.67
C GLY A 122 -19.71 -25.34 -18.83
N LEU A 123 -18.86 -25.73 -17.88
CA LEU A 123 -17.46 -25.31 -17.88
C LEU A 123 -16.61 -26.22 -18.75
N THR A 124 -16.03 -25.65 -19.80
CA THR A 124 -15.18 -26.39 -20.74
C THR A 124 -13.71 -26.03 -20.63
N SER A 125 -13.39 -24.89 -20.01
CA SER A 125 -12.01 -24.45 -19.86
C SER A 125 -11.82 -23.58 -18.62
N TYR A 126 -10.64 -23.67 -18.02
CA TYR A 126 -10.27 -22.89 -16.85
C TYR A 126 -8.75 -22.84 -16.72
N LEU A 127 -8.19 -21.65 -16.86
CA LEU A 127 -6.74 -21.45 -16.79
C LEU A 127 -6.41 -20.43 -15.72
N VAL A 128 -5.35 -20.72 -14.96
CA VAL A 128 -4.84 -19.79 -13.95
C VAL A 128 -3.39 -19.48 -14.27
N ARG A 129 -3.02 -18.21 -14.16
CA ARG A 129 -1.63 -17.80 -14.36
C ARG A 129 -1.21 -16.76 -13.32
N VAL A 130 -0.24 -17.12 -12.49
CA VAL A 130 0.28 -16.20 -11.49
C VAL A 130 1.15 -15.16 -12.21
N VAL A 131 0.65 -13.93 -12.27
CA VAL A 131 1.30 -12.86 -13.03
C VAL A 131 2.54 -12.34 -12.33
N SER A 132 2.42 -12.11 -11.03
CA SER A 132 3.55 -11.69 -10.21
C SER A 132 3.29 -11.94 -8.73
N THR A 133 4.36 -12.15 -7.96
CA THR A 133 4.24 -12.29 -6.51
C THR A 133 5.61 -12.19 -5.84
N ASN A 134 5.61 -11.65 -4.61
CA ASN A 134 6.75 -11.77 -3.71
C ASN A 134 6.48 -12.74 -2.57
N TYR A 135 5.35 -13.46 -2.66
CA TYR A 135 5.00 -14.56 -1.75
C TYR A 135 4.59 -14.19 -0.33
N ASN A 136 5.18 -13.14 0.24
CA ASN A 136 4.96 -12.80 1.65
C ASN A 136 4.17 -11.50 1.88
N GLN A 137 3.82 -10.80 0.81
CA GLN A 137 3.06 -9.57 0.90
C GLN A 137 1.96 -9.43 -0.14
N HIS A 138 2.29 -9.69 -1.42
CA HIS A 138 1.33 -9.46 -2.50
C HIS A 138 1.46 -10.43 -3.67
N ALA A 139 0.42 -10.46 -4.49
CA ALA A 139 0.42 -11.26 -5.72
C ALA A 139 -0.64 -10.74 -6.69
N MET A 140 -0.41 -10.99 -7.98
CA MET A 140 -1.41 -10.76 -9.02
C MET A 140 -1.60 -12.06 -9.79
N VAL A 141 -2.84 -12.52 -9.88
CA VAL A 141 -3.16 -13.79 -10.53
C VAL A 141 -4.22 -13.56 -11.61
N PHE A 142 -4.00 -14.17 -12.77
CA PHE A 142 -4.90 -14.05 -13.91
C PHE A 142 -5.68 -15.35 -14.08
N PHE A 143 -6.98 -15.22 -14.34
CA PHE A 143 -7.84 -16.38 -14.58
C PHE A 143 -8.58 -16.20 -15.90
N LYS A 144 -8.66 -17.30 -16.67
CA LYS A 144 -9.49 -17.33 -17.87
C LYS A 144 -10.32 -18.60 -17.85
N LYS A 145 -11.63 -18.46 -18.01
CA LYS A 145 -12.50 -19.63 -18.08
C LYS A 145 -13.51 -19.50 -19.22
N VAL A 146 -13.82 -20.65 -19.83
CA VAL A 146 -14.87 -20.71 -20.85
C VAL A 146 -16.03 -21.50 -20.27
N SER A 147 -17.14 -20.81 -20.06
CA SER A 147 -18.33 -21.39 -19.42
C SER A 147 -19.56 -21.08 -20.26
N GLN A 148 -20.29 -22.13 -20.65
CA GLN A 148 -21.44 -22.00 -21.54
C GLN A 148 -21.08 -21.20 -22.79
N ASN A 149 -19.91 -21.54 -23.37
CA ASN A 149 -19.37 -20.90 -24.57
C ASN A 149 -18.95 -19.44 -24.44
N ARG A 150 -19.11 -18.85 -23.25
CA ARG A 150 -18.70 -17.47 -23.01
C ARG A 150 -17.32 -17.45 -22.37
N GLU A 151 -16.45 -16.56 -22.86
CA GLU A 151 -15.07 -16.48 -22.37
C GLU A 151 -14.93 -15.38 -21.32
N TYR A 152 -14.80 -15.79 -20.06
CA TYR A 152 -14.63 -14.86 -18.95
C TYR A 152 -13.17 -14.80 -18.52
N PHE A 153 -12.76 -13.64 -18.01
CA PHE A 153 -11.45 -13.53 -17.37
C PHE A 153 -11.51 -12.60 -16.17
N LYS A 154 -10.62 -12.85 -15.22
CA LYS A 154 -10.47 -11.94 -14.08
C LYS A 154 -9.02 -11.86 -13.64
N ILE A 155 -8.68 -10.74 -13.02
CA ILE A 155 -7.39 -10.55 -12.39
C ILE A 155 -7.66 -10.24 -10.92
N THR A 156 -6.94 -10.92 -10.03
CA THR A 156 -7.08 -10.66 -8.61
C THR A 156 -5.77 -10.12 -8.06
N LEU A 157 -5.85 -9.07 -7.27
CA LEU A 157 -4.71 -8.55 -6.52
C LEU A 157 -4.77 -9.19 -5.15
N TYR A 158 -3.84 -10.10 -4.88
CA TYR A 158 -3.78 -10.76 -3.58
C TYR A 158 -2.92 -9.95 -2.62
N GLY A 159 -3.40 -9.84 -1.38
CA GLY A 159 -2.64 -9.24 -0.30
C GLY A 159 -2.50 -10.23 0.83
N ARG A 160 -1.33 -10.30 1.43
CA ARG A 160 -1.11 -11.15 2.59
C ARG A 160 -1.83 -10.52 3.79
N THR A 161 -1.84 -9.20 3.81
CA THR A 161 -2.68 -8.42 4.72
C THR A 161 -3.87 -7.86 3.93
N LYS A 162 -4.82 -7.27 4.64
CA LYS A 162 -6.05 -6.74 4.01
C LYS A 162 -5.82 -5.43 3.28
N GLU A 163 -4.68 -4.77 3.54
CA GLU A 163 -4.34 -3.51 2.89
C GLU A 163 -3.04 -3.65 2.13
N LEU A 164 -2.95 -2.94 1.00
CA LEU A 164 -1.72 -2.85 0.21
C LEU A 164 -1.44 -1.39 -0.12
N THR A 165 -0.21 -1.11 -0.53
CA THR A 165 0.20 0.26 -0.86
C THR A 165 -0.53 0.76 -2.10
N SER A 166 -0.60 2.08 -2.24
CA SER A 166 -1.20 2.72 -3.41
C SER A 166 -0.45 2.35 -4.68
N GLU A 167 0.86 2.15 -4.57
CA GLU A 167 1.69 1.74 -5.69
C GLU A 167 1.23 0.39 -6.25
N LEU A 168 1.03 -0.58 -5.37
CA LEU A 168 0.62 -1.93 -5.76
C LEU A 168 -0.80 -1.94 -6.36
N LYS A 169 -1.69 -1.13 -5.79
CA LYS A 169 -3.05 -1.04 -6.29
C LYS A 169 -3.12 -0.31 -7.64
N GLU A 170 -2.31 0.73 -7.80
CA GLU A 170 -2.23 1.45 -9.08
C GLU A 170 -1.63 0.57 -10.18
N ASN A 171 -0.66 -0.26 -9.82
CA ASN A 171 -0.08 -1.22 -10.75
C ASN A 171 -1.13 -2.23 -11.23
N PHE A 172 -1.95 -2.70 -10.31
CA PHE A 172 -3.06 -3.62 -10.62
C PHE A 172 -4.06 -2.98 -11.57
N ILE A 173 -4.41 -1.72 -11.31
CA ILE A 173 -5.33 -0.97 -12.18
C ILE A 173 -4.73 -0.80 -13.58
N ARG A 174 -3.45 -0.41 -13.63
CA ARG A 174 -2.74 -0.28 -14.91
C ARG A 174 -2.72 -1.60 -15.69
N PHE A 175 -2.44 -2.71 -14.99
CA PHE A 175 -2.41 -4.03 -15.62
C PHE A 175 -3.79 -4.44 -16.12
N SER A 176 -4.82 -4.20 -15.31
CA SER A 176 -6.20 -4.52 -15.70
C SER A 176 -6.62 -3.73 -16.94
N LYS A 177 -6.27 -2.44 -16.97
CA LYS A 177 -6.55 -1.59 -18.13
C LYS A 177 -5.80 -2.07 -19.38
N SER A 178 -4.59 -2.58 -19.19
CA SER A 178 -3.80 -3.10 -20.31
C SER A 178 -4.42 -4.36 -20.93
N LEU A 179 -5.29 -5.04 -20.18
CA LEU A 179 -6.04 -6.19 -20.69
C LEU A 179 -7.43 -5.82 -21.20
N GLY A 180 -7.71 -4.51 -21.32
CA GLY A 180 -8.96 -4.04 -21.92
C GLY A 180 -10.06 -3.64 -20.96
N LEU A 181 -9.82 -3.79 -19.65
CA LEU A 181 -10.85 -3.51 -18.66
C LEU A 181 -10.91 -2.03 -18.30
N PRO A 182 -12.12 -1.44 -18.33
CA PRO A 182 -12.29 -0.08 -17.84
C PRO A 182 -12.44 -0.05 -16.31
N GLU A 183 -12.48 1.16 -15.76
CA GLU A 183 -12.48 1.38 -14.31
C GLU A 183 -13.66 0.72 -13.60
N ASN A 184 -14.84 0.78 -14.20
CA ASN A 184 -16.04 0.19 -13.61
C ASN A 184 -16.03 -1.35 -13.61
N HIS A 185 -15.03 -1.95 -14.23
CA HIS A 185 -14.79 -3.39 -14.14
C HIS A 185 -13.63 -3.74 -13.20
N ILE A 186 -13.14 -2.74 -12.46
CA ILE A 186 -12.07 -2.92 -11.50
C ILE A 186 -12.57 -2.49 -10.13
N VAL A 187 -12.58 -3.42 -9.17
CA VAL A 187 -13.07 -3.12 -7.82
C VAL A 187 -12.03 -3.45 -6.74
N PHE A 188 -12.13 -2.75 -5.62
CA PHE A 188 -11.30 -3.02 -4.45
C PHE A 188 -12.22 -3.37 -3.30
N PRO A 189 -12.42 -4.69 -3.07
CA PRO A 189 -13.32 -5.15 -2.02
C PRO A 189 -13.04 -4.52 -0.65
N VAL A 190 -14.10 -4.15 0.06
CA VAL A 190 -13.96 -3.49 1.36
C VAL A 190 -13.55 -4.52 2.42
N PRO A 191 -12.46 -4.25 3.16
CA PRO A 191 -12.03 -5.16 4.23
C PRO A 191 -13.15 -5.45 5.24
N ILE A 192 -13.25 -6.72 5.65
CA ILE A 192 -14.18 -7.13 6.70
C ILE A 192 -13.45 -8.01 7.70
N ASP A 193 -14.12 -8.31 8.81
CA ASP A 193 -13.56 -9.19 9.85
C ASP A 193 -14.22 -10.56 9.89
N GLN A 194 -15.48 -10.64 9.48
CA GLN A 194 -16.21 -11.91 9.49
C GLN A 194 -15.61 -12.89 8.48
N CYS A 195 -15.50 -14.15 8.89
CA CYS A 195 -15.10 -15.28 8.02
C CYS A 195 -13.63 -15.31 7.61
N ILE A 196 -13.10 -14.19 7.15
CA ILE A 196 -11.76 -14.17 6.53
C ILE A 196 -10.58 -14.07 7.52
N ASP A 197 -10.88 -13.91 8.81
CA ASP A 197 -9.84 -13.79 9.84
C ASP A 197 -9.42 -15.11 10.49
N GLY A 198 -10.19 -16.17 10.29
CA GLY A 198 -9.87 -17.46 10.89
C GLY A 198 -8.74 -18.18 10.16
N SER B 25 -30.27 22.18 -15.91
CA SER B 25 -28.80 21.95 -16.09
C SER B 25 -28.20 21.28 -14.86
N ASP B 26 -27.13 20.51 -15.07
CA ASP B 26 -26.51 19.70 -14.01
C ASP B 26 -25.03 20.01 -13.85
N LEU B 27 -24.57 20.05 -12.60
CA LEU B 27 -23.15 20.21 -12.28
C LEU B 27 -22.80 19.47 -10.99
N ILE B 28 -21.63 18.83 -10.97
CA ILE B 28 -21.12 18.20 -9.76
C ILE B 28 -20.73 19.30 -8.78
N PRO B 29 -21.18 19.21 -7.51
CA PRO B 29 -20.97 20.34 -6.60
C PRO B 29 -19.50 20.63 -6.34
N ALA B 30 -19.17 21.91 -6.17
CA ALA B 30 -17.83 22.31 -5.77
C ALA B 30 -17.59 21.84 -4.34
N PRO B 31 -16.40 21.29 -4.07
CA PRO B 31 -16.13 20.80 -2.73
C PRO B 31 -15.89 21.95 -1.76
N PRO B 32 -16.10 21.73 -0.46
CA PRO B 32 -15.73 22.76 0.49
C PRO B 32 -14.21 22.98 0.49
N LEU B 33 -13.80 24.24 0.54
CA LEU B 33 -12.38 24.62 0.55
C LEU B 33 -11.56 23.92 1.62
N SER B 34 -12.21 23.41 2.66
CA SER B 34 -11.55 22.59 3.67
C SER B 34 -10.94 21.30 3.10
N LYS B 35 -11.54 20.78 2.02
CA LYS B 35 -11.02 19.58 1.35
C LYS B 35 -9.96 19.88 0.28
N VAL B 36 -9.63 21.16 0.11
CA VAL B 36 -8.60 21.59 -0.83
C VAL B 36 -7.39 22.12 -0.05
N PRO B 37 -6.31 21.32 0.05
CA PRO B 37 -5.14 21.78 0.80
C PRO B 37 -4.44 22.98 0.17
N LEU B 38 -3.62 23.66 0.97
CA LEU B 38 -2.80 24.77 0.51
C LEU B 38 -1.34 24.41 0.74
N GLN B 39 -0.51 24.65 -0.27
CA GLN B 39 0.93 24.38 -0.15
C GLN B 39 1.50 25.15 1.04
N GLN B 40 2.19 24.43 1.93
CA GLN B 40 2.83 25.05 3.09
C GLN B 40 4.00 25.93 2.65
N ASN B 41 4.08 27.13 3.23
CA ASN B 41 5.19 28.06 2.99
C ASN B 41 5.40 28.32 1.48
N PHE B 42 4.32 28.75 0.82
CA PHE B 42 4.36 28.96 -0.63
C PHE B 42 5.39 30.01 -1.01
N GLN B 43 6.27 29.65 -1.94
CA GLN B 43 7.33 30.54 -2.43
C GLN B 43 6.95 31.08 -3.81
N ASP B 44 6.54 32.33 -3.85
CA ASP B 44 6.05 32.95 -5.09
C ASP B 44 7.16 33.13 -6.15
N ASN B 45 8.38 33.36 -5.69
CA ASN B 45 9.51 33.55 -6.61
C ASN B 45 9.98 32.25 -7.29
N GLN B 46 9.74 31.11 -6.64
CA GLN B 46 10.05 29.79 -7.23
C GLN B 46 8.97 29.34 -8.22
N PHE B 47 7.71 29.70 -7.94
CA PHE B 47 6.57 29.25 -8.74
C PHE B 47 6.47 29.96 -10.10
N GLN B 48 7.10 31.13 -10.23
CA GLN B 48 7.04 31.92 -11.45
C GLN B 48 7.60 31.17 -12.66
N GLY B 49 7.11 31.51 -13.85
CA GLY B 49 7.57 30.89 -15.10
C GLY B 49 6.49 30.11 -15.82
N LYS B 50 6.91 29.30 -16.78
CA LYS B 50 5.97 28.53 -17.62
C LYS B 50 5.73 27.14 -17.04
N TRP B 51 4.46 26.77 -16.94
CA TRP B 51 4.06 25.40 -16.63
C TRP B 51 3.24 24.85 -17.80
N TYR B 52 3.41 23.56 -18.09
CA TYR B 52 2.59 22.89 -19.08
C TYR B 52 1.42 22.19 -18.38
N VAL B 53 0.23 22.32 -18.95
CA VAL B 53 -0.97 21.69 -18.39
C VAL B 53 -1.00 20.22 -18.79
N VAL B 54 -0.40 19.38 -17.96
CA VAL B 54 -0.31 17.94 -18.22
C VAL B 54 -1.56 17.20 -17.73
N GLY B 55 -2.29 17.81 -16.79
CA GLY B 55 -3.54 17.24 -16.28
C GLY B 55 -4.61 18.31 -16.12
N LEU B 56 -5.85 17.95 -16.44
CA LEU B 56 -6.97 18.88 -16.41
C LEU B 56 -8.23 18.15 -15.92
N ALA B 57 -8.77 18.60 -14.78
CA ALA B 57 -9.97 17.99 -14.21
C ALA B 57 -10.90 19.06 -13.67
N GLY B 58 -12.21 18.84 -13.81
CA GLY B 58 -13.21 19.79 -13.32
C GLY B 58 -14.65 19.39 -13.62
N ASN B 59 -15.59 20.03 -12.94
CA ASN B 59 -17.01 19.72 -13.12
C ASN B 59 -17.59 20.18 -14.47
N ALA B 60 -16.90 21.12 -15.13
CA ALA B 60 -17.25 21.54 -16.48
C ALA B 60 -16.39 20.84 -17.54
N ILE B 61 -15.24 20.30 -17.13
CA ILE B 61 -14.33 19.59 -18.04
C ILE B 61 -14.88 18.19 -18.34
N LEU B 62 -14.74 17.77 -19.60
CA LEU B 62 -15.23 16.47 -20.04
C LEU B 62 -14.25 15.81 -21.01
N ARG B 63 -14.03 14.51 -20.84
CA ARG B 63 -13.09 13.75 -21.66
C ARG B 63 -13.66 13.47 -23.05
N ASP B 67 -11.29 15.16 -31.27
CA ASP B 67 -11.12 16.45 -30.63
C ASP B 67 -10.70 16.35 -29.16
N PRO B 68 -9.78 15.42 -28.83
CA PRO B 68 -9.27 15.40 -27.45
C PRO B 68 -8.54 16.68 -27.07
N GLN B 69 -8.54 17.01 -25.79
CA GLN B 69 -7.94 18.26 -25.31
C GLN B 69 -6.46 18.31 -25.67
N LYS B 70 -6.07 19.36 -26.39
CA LYS B 70 -4.67 19.59 -26.74
C LYS B 70 -3.99 20.36 -25.62
N MET B 71 -2.72 20.03 -25.36
CA MET B 71 -1.97 20.66 -24.27
C MET B 71 -1.72 22.14 -24.54
N TYR B 72 -1.81 22.94 -23.49
CA TYR B 72 -1.49 24.36 -23.54
C TYR B 72 -0.60 24.72 -22.37
N ALA B 73 0.07 25.87 -22.49
CA ALA B 73 0.99 26.35 -21.46
C ALA B 73 0.40 27.56 -20.75
N THR B 74 0.85 27.80 -19.52
CA THR B 74 0.43 28.96 -18.74
C THR B 74 1.66 29.58 -18.08
N ILE B 75 1.91 30.86 -18.37
CA ILE B 75 3.10 31.55 -17.89
C ILE B 75 2.77 32.46 -16.70
N TYR B 76 3.42 32.20 -15.57
CA TYR B 76 3.24 33.01 -14.37
C TYR B 76 4.40 34.01 -14.23
N GLU B 77 4.15 35.23 -14.68
CA GLU B 77 5.15 36.29 -14.60
C GLU B 77 5.00 37.06 -13.29
N LEU B 78 5.94 36.85 -12.37
CA LEU B 78 5.92 37.51 -11.07
C LEU B 78 6.25 39.00 -11.26
N LYS B 79 5.28 39.86 -10.98
CA LYS B 79 5.45 41.30 -11.14
C LYS B 79 6.37 41.87 -10.05
N LYS B 82 3.88 42.35 -6.35
CA LYS B 82 4.20 40.93 -6.23
C LYS B 82 3.10 40.02 -6.78
N SER B 83 2.28 40.57 -7.67
CA SER B 83 1.19 39.82 -8.30
C SER B 83 1.71 39.02 -9.49
N TYR B 84 0.85 38.15 -10.03
CA TYR B 84 1.18 37.35 -11.21
C TYR B 84 0.45 37.88 -12.45
N ASN B 85 1.17 37.92 -13.57
CA ASN B 85 0.56 38.18 -14.87
C ASN B 85 0.44 36.86 -15.62
N VAL B 86 -0.74 36.24 -15.53
CA VAL B 86 -0.98 34.90 -16.05
C VAL B 86 -1.45 34.92 -17.50
N THR B 87 -0.66 34.37 -18.40
CA THR B 87 -1.01 34.30 -19.82
C THR B 87 -0.96 32.85 -20.31
N SER B 88 -2.06 32.39 -20.90
CA SER B 88 -2.20 31.01 -21.37
C SER B 88 -2.04 30.92 -22.88
N VAL B 89 -1.06 30.12 -23.34
CA VAL B 89 -0.80 29.94 -24.75
C VAL B 89 -1.51 28.69 -25.28
N LEU B 90 -2.57 28.90 -26.07
CA LEU B 90 -3.38 27.81 -26.63
C LEU B 90 -3.17 27.71 -28.13
N PHE B 91 -3.13 26.48 -28.65
CA PHE B 91 -3.14 26.25 -30.10
C PHE B 91 -4.56 25.88 -30.54
N ARG B 92 -5.20 26.78 -31.27
CA ARG B 92 -6.57 26.57 -31.73
C ARG B 92 -6.81 27.19 -33.11
N LYS B 93 -7.49 26.44 -33.98
CA LYS B 93 -7.83 26.90 -35.33
C LYS B 93 -6.59 27.29 -36.15
N LYS B 94 -5.55 26.47 -36.05
CA LYS B 94 -4.28 26.72 -36.75
C LYS B 94 -3.65 28.07 -36.35
N LYS B 95 -3.83 28.47 -35.10
CA LYS B 95 -3.32 29.74 -34.60
C LYS B 95 -2.99 29.66 -33.11
N CYS B 96 -2.06 30.51 -32.67
CA CYS B 96 -1.71 30.61 -31.26
C CYS B 96 -2.61 31.63 -30.56
N ASP B 97 -3.44 31.16 -29.63
CA ASP B 97 -4.36 32.02 -28.88
C ASP B 97 -3.80 32.39 -27.52
N TYR B 98 -4.08 33.62 -27.09
CA TYR B 98 -3.52 34.17 -25.85
C TYR B 98 -4.60 34.67 -24.90
N TRP B 99 -4.87 33.91 -23.84
CA TRP B 99 -5.80 34.32 -22.78
C TRP B 99 -5.00 34.89 -21.62
N ILE B 100 -5.13 36.19 -21.39
CA ILE B 100 -4.36 36.91 -20.37
C ILE B 100 -5.22 37.24 -19.15
N ARG B 101 -4.66 37.02 -17.96
CA ARG B 101 -5.34 37.34 -16.70
C ARG B 101 -4.32 37.66 -15.61
N THR B 102 -4.80 38.25 -14.52
CA THR B 102 -3.93 38.64 -13.40
C THR B 102 -4.37 37.98 -12.10
N PHE B 103 -3.45 37.33 -11.41
CA PHE B 103 -3.74 36.74 -10.09
C PHE B 103 -3.12 37.59 -8.99
N VAL B 104 -3.96 38.10 -8.09
CA VAL B 104 -3.53 38.92 -6.96
C VAL B 104 -3.47 38.07 -5.69
N PRO B 105 -2.36 38.17 -4.92
CA PRO B 105 -2.23 37.41 -3.66
C PRO B 105 -3.40 37.60 -2.70
N GLY B 106 -3.91 36.51 -2.15
CA GLY B 106 -5.03 36.54 -1.21
C GLY B 106 -4.57 36.68 0.23
N SER B 107 -5.34 36.10 1.14
CA SER B 107 -5.05 36.17 2.57
C SER B 107 -3.82 35.36 2.97
N GLN B 108 -3.59 34.24 2.29
CA GLN B 108 -2.47 33.35 2.59
C GLN B 108 -1.56 33.23 1.37
N PRO B 109 -0.25 32.99 1.60
CA PRO B 109 0.63 32.67 0.46
C PRO B 109 0.18 31.37 -0.22
N GLY B 110 0.06 31.42 -1.55
CA GLY B 110 -0.44 30.28 -2.32
C GLY B 110 -1.87 30.49 -2.81
N GLU B 111 -2.63 31.35 -2.12
CA GLU B 111 -4.00 31.69 -2.51
C GLU B 111 -4.00 32.96 -3.35
N PHE B 112 -4.84 32.99 -4.38
CA PHE B 112 -4.95 34.16 -5.25
C PHE B 112 -6.38 34.46 -5.67
N THR B 113 -6.63 35.74 -5.94
CA THR B 113 -7.92 36.21 -6.46
C THR B 113 -7.71 36.77 -7.86
N LEU B 114 -8.78 36.81 -8.65
CA LEU B 114 -8.70 37.28 -10.03
C LEU B 114 -8.61 38.81 -10.08
N GLY B 115 -7.51 39.32 -10.63
CA GLY B 115 -7.36 40.75 -10.85
C GLY B 115 -8.26 41.24 -11.97
N ASN B 116 -8.90 42.38 -11.75
CA ASN B 116 -9.90 42.91 -12.69
C ASN B 116 -11.07 41.94 -12.90
N ILE B 117 -11.54 41.35 -11.80
CA ILE B 117 -12.65 40.39 -11.83
C ILE B 117 -13.94 41.02 -12.36
N LYS B 118 -14.12 42.31 -12.13
CA LYS B 118 -15.34 43.02 -12.52
C LYS B 118 -15.43 43.30 -14.02
N SER B 119 -14.32 43.13 -14.74
CA SER B 119 -14.31 43.31 -16.21
C SER B 119 -14.81 42.08 -16.96
N TYR B 120 -15.04 40.97 -16.24
CA TYR B 120 -15.53 39.73 -16.84
C TYR B 120 -17.04 39.62 -16.66
N PRO B 121 -17.81 39.63 -17.78
CA PRO B 121 -19.27 39.50 -17.71
C PRO B 121 -19.74 38.22 -17.02
N GLY B 122 -20.53 38.37 -15.96
CA GLY B 122 -21.12 37.24 -15.25
C GLY B 122 -20.29 36.70 -14.08
N LEU B 123 -18.97 36.82 -14.18
CA LEU B 123 -18.08 36.30 -13.15
C LEU B 123 -18.21 37.09 -11.85
N THR B 124 -18.78 36.46 -10.82
CA THR B 124 -18.98 37.09 -9.53
C THR B 124 -17.91 36.71 -8.52
N SER B 125 -17.47 35.45 -8.55
CA SER B 125 -16.39 34.99 -7.68
C SER B 125 -15.31 34.25 -8.45
N TYR B 126 -14.08 34.32 -7.94
CA TYR B 126 -12.96 33.58 -8.50
C TYR B 126 -11.88 33.40 -7.44
N LEU B 127 -11.45 32.15 -7.26
CA LEU B 127 -10.44 31.81 -6.27
C LEU B 127 -9.44 30.83 -6.85
N VAL B 128 -8.15 31.06 -6.56
CA VAL B 128 -7.08 30.15 -6.96
C VAL B 128 -6.39 29.66 -5.69
N ARG B 129 -6.04 28.38 -5.68
CA ARG B 129 -5.45 27.76 -4.49
C ARG B 129 -4.41 26.71 -4.90
N VAL B 130 -3.14 27.06 -4.70
CA VAL B 130 -2.03 26.16 -5.01
C VAL B 130 -2.05 25.02 -4.00
N VAL B 131 -2.43 23.82 -4.44
CA VAL B 131 -2.62 22.68 -3.56
C VAL B 131 -1.28 22.14 -3.08
N SER B 132 -0.41 21.81 -4.03
CA SER B 132 0.93 21.30 -3.72
C SER B 132 1.87 21.56 -4.89
N THR B 133 3.15 21.72 -4.58
CA THR B 133 4.17 21.93 -5.60
C THR B 133 5.58 21.77 -5.02
N ASN B 134 6.47 21.21 -5.82
CA ASN B 134 7.90 21.20 -5.51
C ASN B 134 8.66 22.20 -6.38
N TYR B 135 7.93 23.02 -7.14
CA TYR B 135 8.46 24.13 -7.94
C TYR B 135 9.32 23.69 -9.14
N ASN B 136 10.31 22.82 -8.89
CA ASN B 136 11.23 22.36 -9.92
C ASN B 136 10.60 21.38 -10.93
N GLN B 137 9.60 20.61 -10.49
CA GLN B 137 9.05 19.52 -11.31
C GLN B 137 7.55 19.65 -11.58
N HIS B 138 6.74 19.69 -10.52
CA HIS B 138 5.28 19.62 -10.66
C HIS B 138 4.54 20.59 -9.72
N ALA B 139 3.25 20.77 -10.00
CA ALA B 139 2.39 21.61 -9.17
C ALA B 139 0.91 21.30 -9.43
N MET B 140 0.10 21.36 -8.38
CA MET B 140 -1.36 21.19 -8.48
C MET B 140 -2.05 22.45 -8.00
N VAL B 141 -2.88 23.04 -8.86
CA VAL B 141 -3.59 24.27 -8.54
C VAL B 141 -5.10 24.08 -8.67
N PHE B 142 -5.83 24.47 -7.62
CA PHE B 142 -7.27 24.38 -7.58
C PHE B 142 -7.87 25.75 -7.93
N PHE B 143 -8.83 25.76 -8.86
CA PHE B 143 -9.54 26.98 -9.25
C PHE B 143 -11.03 26.81 -8.99
N LYS B 144 -11.62 27.81 -8.34
CA LYS B 144 -13.07 27.86 -8.14
C LYS B 144 -13.60 29.21 -8.61
N LYS B 145 -14.72 29.19 -9.33
CA LYS B 145 -15.37 30.42 -9.79
C LYS B 145 -16.89 30.31 -9.72
N VAL B 146 -17.56 31.46 -9.58
CA VAL B 146 -19.00 31.53 -9.66
C VAL B 146 -19.40 32.49 -10.79
N SER B 147 -19.89 31.92 -11.89
CA SER B 147 -20.34 32.69 -13.04
C SER B 147 -21.74 32.24 -13.45
N GLN B 148 -22.63 33.21 -13.70
CA GLN B 148 -24.04 32.94 -14.01
C GLN B 148 -24.72 32.19 -12.85
N ASN B 149 -24.34 32.54 -11.62
CA ASN B 149 -24.82 31.88 -10.40
C ASN B 149 -24.50 30.38 -10.30
N ARG B 150 -23.62 29.90 -11.19
CA ARG B 150 -23.26 28.48 -11.23
C ARG B 150 -21.85 28.29 -10.69
N GLU B 151 -21.69 27.33 -9.77
CA GLU B 151 -20.39 27.08 -9.14
C GLU B 151 -19.58 26.09 -9.99
N TYR B 152 -18.50 26.59 -10.60
CA TYR B 152 -17.56 25.77 -11.34
C TYR B 152 -16.28 25.60 -10.55
N PHE B 153 -15.56 24.52 -10.82
CA PHE B 153 -14.21 24.35 -10.29
C PHE B 153 -13.39 23.44 -11.19
N LYS B 154 -12.07 23.63 -11.14
CA LYS B 154 -11.15 22.76 -11.86
C LYS B 154 -9.83 22.60 -11.11
N ILE B 155 -9.22 21.43 -11.27
CA ILE B 155 -7.90 21.16 -10.71
C ILE B 155 -6.96 20.93 -11.89
N THR B 156 -5.89 21.74 -11.94
CA THR B 156 -4.90 21.62 -13.00
C THR B 156 -3.64 20.95 -12.45
N LEU B 157 -3.12 19.99 -13.21
CA LEU B 157 -1.84 19.36 -12.89
C LEU B 157 -0.79 20.03 -13.76
N TYR B 158 0.07 20.82 -13.14
CA TYR B 158 1.15 21.49 -13.85
C TYR B 158 2.41 20.63 -13.85
N GLY B 159 3.18 20.75 -14.93
CA GLY B 159 4.51 20.16 -15.03
C GLY B 159 5.42 21.15 -15.73
N ARG B 160 6.65 21.25 -15.26
CA ARG B 160 7.61 22.17 -15.87
C ARG B 160 8.01 21.67 -17.26
N THR B 161 7.94 20.35 -17.45
CA THR B 161 8.08 19.73 -18.76
C THR B 161 6.71 19.24 -19.24
N LYS B 162 6.67 18.68 -20.45
CA LYS B 162 5.42 18.20 -21.05
C LYS B 162 4.96 16.83 -20.54
N GLU B 163 5.79 16.17 -19.73
CA GLU B 163 5.45 14.85 -19.18
C GLU B 163 5.77 14.77 -17.69
N LEU B 164 5.07 13.87 -16.99
CA LEU B 164 5.31 13.61 -15.58
C LEU B 164 5.23 12.11 -15.30
N THR B 165 5.67 11.70 -14.12
CA THR B 165 5.62 10.30 -13.71
C THR B 165 4.18 9.81 -13.57
N SER B 166 3.97 8.52 -13.79
CA SER B 166 2.63 7.93 -13.71
C SER B 166 2.17 7.82 -12.27
N LEU B 168 2.70 10.97 -9.96
CA LEU B 168 2.26 12.34 -10.17
C LEU B 168 0.86 12.37 -10.80
N LYS B 169 0.72 11.70 -11.95
CA LYS B 169 -0.57 11.61 -12.64
C LYS B 169 -1.59 10.79 -11.84
N GLU B 170 -1.11 9.76 -11.15
CA GLU B 170 -1.97 8.93 -10.29
C GLU B 170 -2.45 9.70 -9.06
N ASN B 171 -1.53 10.46 -8.45
CA ASN B 171 -1.86 11.32 -7.32
C ASN B 171 -2.87 12.40 -7.71
N PHE B 172 -2.73 12.92 -8.93
CA PHE B 172 -3.67 13.90 -9.47
C PHE B 172 -5.08 13.30 -9.62
N ILE B 173 -5.15 12.05 -10.05
CA ILE B 173 -6.44 11.37 -10.25
C ILE B 173 -7.18 11.19 -8.93
N ARG B 174 -6.52 10.60 -7.94
CA ARG B 174 -7.18 10.31 -6.66
C ARG B 174 -7.49 11.57 -5.85
N PHE B 175 -6.79 12.67 -6.13
CA PHE B 175 -7.15 13.97 -5.53
C PHE B 175 -8.41 14.52 -6.20
N SER B 176 -8.45 14.47 -7.53
CA SER B 176 -9.64 14.90 -8.27
C SER B 176 -10.87 14.07 -7.89
N LYS B 177 -10.67 12.77 -7.70
CA LYS B 177 -11.74 11.87 -7.29
C LYS B 177 -12.20 12.16 -5.86
N SER B 178 -11.28 12.58 -5.01
CA SER B 178 -11.62 12.96 -3.63
C SER B 178 -12.43 14.25 -3.57
N LEU B 179 -12.32 15.09 -4.58
CA LEU B 179 -13.12 16.32 -4.68
C LEU B 179 -14.49 16.08 -5.32
N GLY B 180 -14.69 14.89 -5.89
CA GLY B 180 -15.99 14.47 -6.40
C GLY B 180 -16.07 14.20 -7.89
N LEU B 181 -14.97 14.38 -8.61
CA LEU B 181 -14.97 14.18 -10.06
C LEU B 181 -14.85 12.71 -10.42
N PRO B 182 -15.72 12.21 -11.32
CA PRO B 182 -15.52 10.89 -11.89
C PRO B 182 -14.41 10.90 -12.94
N GLU B 183 -14.09 9.73 -13.50
CA GLU B 183 -12.97 9.59 -14.42
C GLU B 183 -13.14 10.32 -15.76
N ASN B 184 -14.37 10.42 -16.24
CA ASN B 184 -14.64 11.09 -17.52
C ASN B 184 -14.55 12.63 -17.44
N HIS B 185 -14.48 13.17 -16.22
CA HIS B 185 -14.22 14.59 -16.00
C HIS B 185 -12.73 14.88 -15.77
N ILE B 186 -11.90 13.84 -15.80
CA ILE B 186 -10.46 13.96 -15.63
C ILE B 186 -9.77 13.71 -16.98
N VAL B 187 -8.97 14.68 -17.43
CA VAL B 187 -8.35 14.63 -18.75
C VAL B 187 -6.84 14.91 -18.65
N PHE B 188 -6.07 14.27 -19.55
CA PHE B 188 -4.64 14.51 -19.66
C PHE B 188 -4.33 15.03 -21.06
N PRO B 189 -4.24 16.36 -21.22
CA PRO B 189 -4.03 16.97 -22.54
C PRO B 189 -2.82 16.41 -23.31
N VAL B 190 -2.99 16.20 -24.61
CA VAL B 190 -1.95 15.63 -25.45
C VAL B 190 -0.85 16.66 -25.75
N PRO B 191 0.43 16.32 -25.48
CA PRO B 191 1.54 17.23 -25.75
C PRO B 191 1.66 17.63 -27.23
N ILE B 192 2.04 18.88 -27.47
CA ILE B 192 2.25 19.40 -28.83
C ILE B 192 3.50 20.28 -28.87
N ASP B 193 3.93 20.62 -30.08
CA ASP B 193 5.15 21.43 -30.28
C ASP B 193 4.85 22.90 -30.63
N GLN B 194 3.62 23.19 -31.03
CA GLN B 194 3.27 24.52 -31.57
C GLN B 194 2.82 25.46 -30.46
N CYS B 195 3.19 26.74 -30.60
CA CYS B 195 2.79 27.82 -29.69
C CYS B 195 3.37 27.74 -28.28
N ILE B 196 3.11 26.65 -27.57
CA ILE B 196 3.47 26.51 -26.15
C ILE B 196 4.97 26.60 -25.85
N ASP B 197 5.82 26.35 -26.85
CA ASP B 197 7.26 26.52 -26.71
C ASP B 197 7.69 27.84 -27.32
N THR C 24 13.79 -6.81 43.84
CA THR C 24 14.66 -5.73 43.28
C THR C 24 13.83 -4.44 43.12
N SER C 25 14.18 -3.60 42.16
CA SER C 25 13.64 -2.24 42.06
C SER C 25 12.29 -2.16 41.33
N ASP C 26 11.73 -0.96 41.31
CA ASP C 26 10.49 -0.66 40.60
C ASP C 26 10.68 -0.80 39.10
N LEU C 27 9.60 -1.13 38.39
CA LEU C 27 9.65 -1.35 36.95
C LEU C 27 8.59 -0.52 36.25
N ILE C 28 8.90 -0.06 35.04
CA ILE C 28 7.89 0.52 34.17
C ILE C 28 6.90 -0.60 33.89
N PRO C 29 5.59 -0.35 34.07
CA PRO C 29 4.64 -1.45 33.92
C PRO C 29 4.58 -1.96 32.49
N ALA C 30 4.36 -3.27 32.34
CA ALA C 30 4.10 -3.83 31.03
C ALA C 30 2.82 -3.20 30.47
N PRO C 31 2.80 -2.91 29.16
CA PRO C 31 1.60 -2.31 28.59
C PRO C 31 0.48 -3.33 28.46
N PRO C 32 -0.78 -2.88 28.42
CA PRO C 32 -1.84 -3.82 28.08
C PRO C 32 -1.65 -4.32 26.65
N LEU C 33 -1.97 -5.59 26.41
CA LEU C 33 -1.76 -6.19 25.09
C LEU C 33 -2.55 -5.51 23.98
N SER C 34 -3.60 -4.77 24.33
CA SER C 34 -4.36 -3.96 23.38
C SER C 34 -3.50 -2.89 22.69
N LYS C 35 -2.44 -2.44 23.36
CA LYS C 35 -1.48 -1.49 22.79
C LYS C 35 -0.36 -2.15 21.97
N VAL C 36 -0.37 -3.48 21.90
CA VAL C 36 0.66 -4.23 21.17
C VAL C 36 0.02 -4.94 19.98
N PRO C 37 0.19 -4.38 18.76
CA PRO C 37 -0.39 -5.02 17.58
C PRO C 37 0.17 -6.41 17.31
N LEU C 38 -0.62 -7.24 16.64
CA LEU C 38 -0.18 -8.53 16.15
C LEU C 38 -0.11 -8.46 14.63
N GLN C 39 0.99 -8.93 14.06
CA GLN C 39 1.15 -8.99 12.61
C GLN C 39 0.00 -9.78 12.00
N GLN C 40 -0.72 -9.16 11.07
CA GLN C 40 -1.84 -9.81 10.39
C GLN C 40 -1.35 -10.97 9.51
N ASN C 41 -2.02 -12.11 9.60
CA ASN C 41 -1.74 -13.27 8.75
C ASN C 41 -0.25 -13.65 8.76
N PHE C 42 0.26 -13.88 9.97
CA PHE C 42 1.68 -14.17 10.17
C PHE C 42 2.09 -15.42 9.41
N GLN C 43 3.21 -15.33 8.69
CA GLN C 43 3.73 -16.44 7.89
C GLN C 43 4.98 -17.00 8.56
N ASP C 44 4.81 -18.10 9.29
CA ASP C 44 5.91 -18.68 10.06
C ASP C 44 7.11 -19.10 9.19
N ASN C 45 6.83 -19.63 8.00
CA ASN C 45 7.88 -20.04 7.07
C ASN C 45 8.73 -18.87 6.58
N GLN C 46 8.08 -17.72 6.34
CA GLN C 46 8.77 -16.53 5.85
C GLN C 46 9.59 -15.82 6.94
N PHE C 47 9.21 -16.01 8.20
CA PHE C 47 9.86 -15.33 9.31
C PHE C 47 11.16 -15.99 9.75
N GLN C 48 11.39 -17.23 9.32
CA GLN C 48 12.53 -18.01 9.81
C GLN C 48 13.84 -17.52 9.22
N GLY C 49 14.94 -18.00 9.77
CA GLY C 49 16.28 -17.56 9.37
C GLY C 49 16.86 -16.58 10.37
N LYS C 50 17.95 -15.92 10.00
CA LYS C 50 18.68 -15.05 10.90
C LYS C 50 18.13 -13.62 10.88
N TRP C 51 17.95 -13.06 12.06
CA TRP C 51 17.65 -11.64 12.23
C TRP C 51 18.72 -11.01 13.11
N TYR C 52 19.16 -9.80 12.77
CA TYR C 52 20.04 -9.02 13.63
C TYR C 52 19.21 -8.09 14.50
N VAL C 53 19.60 -7.95 15.76
CA VAL C 53 18.90 -7.06 16.69
C VAL C 53 19.45 -5.64 16.53
N VAL C 54 18.81 -4.89 15.65
CA VAL C 54 19.21 -3.52 15.32
C VAL C 54 18.69 -2.51 16.35
N GLY C 55 17.62 -2.88 17.05
CA GLY C 55 17.06 -2.06 18.10
C GLY C 55 16.50 -2.91 19.24
N LEU C 56 16.65 -2.41 20.45
CA LEU C 56 16.21 -3.11 21.64
C LEU C 56 15.68 -2.10 22.66
N ALA C 57 14.47 -2.35 23.14
CA ALA C 57 13.85 -1.51 24.17
C ALA C 57 13.10 -2.37 25.17
N GLY C 58 13.01 -1.90 26.41
CA GLY C 58 12.30 -2.63 27.46
C GLY C 58 12.50 -2.04 28.85
N ASN C 59 11.71 -2.53 29.81
CA ASN C 59 11.76 -2.01 31.17
C ASN C 59 12.98 -2.46 31.99
N ALA C 60 13.68 -3.49 31.51
CA ALA C 60 14.95 -3.91 32.10
C ALA C 60 16.14 -3.59 31.17
N ILE C 61 15.87 -2.87 30.09
CA ILE C 61 16.90 -2.43 29.15
C ILE C 61 17.29 -0.98 29.48
N LEU C 62 18.59 -0.74 29.61
CA LEU C 62 19.09 0.57 29.99
C LEU C 62 20.29 0.99 29.14
N ARG C 63 20.29 2.25 28.71
CA ARG C 63 21.43 2.80 27.98
CA ARG C 63 21.43 2.83 28.00
C ARG C 63 22.68 2.82 28.85
N GLU C 64 23.80 2.45 28.26
CA GLU C 64 25.10 2.48 28.93
C GLU C 64 26.14 3.02 27.95
N ASP C 65 26.37 4.32 28.02
CA ASP C 65 27.28 5.00 27.09
C ASP C 65 28.74 4.56 27.26
N LYS C 66 29.10 4.14 28.46
CA LYS C 66 30.47 3.67 28.74
C LYS C 66 30.77 2.33 28.08
N ASP C 67 29.81 1.39 28.16
CA ASP C 67 29.94 0.08 27.55
C ASP C 67 28.70 -0.23 26.70
N PRO C 68 28.67 0.31 25.47
CA PRO C 68 27.50 0.14 24.60
C PRO C 68 27.15 -1.33 24.31
N GLN C 69 25.85 -1.61 24.18
CA GLN C 69 25.36 -2.95 23.90
C GLN C 69 25.82 -3.31 22.50
N LYS C 70 26.38 -4.49 22.34
CA LYS C 70 26.80 -4.98 21.05
C LYS C 70 25.63 -5.66 20.37
N MET C 71 25.59 -5.55 19.05
CA MET C 71 24.59 -6.25 18.26
C MET C 71 24.74 -7.75 18.48
N TYR C 72 23.60 -8.43 18.58
CA TYR C 72 23.56 -9.88 18.54
C TYR C 72 22.55 -10.29 17.48
N ALA C 73 22.53 -11.58 17.18
CA ALA C 73 21.64 -12.13 16.17
C ALA C 73 20.76 -13.20 16.81
N THR C 74 19.57 -13.38 16.24
CA THR C 74 18.67 -14.43 16.68
C THR C 74 18.18 -15.18 15.45
N ILE C 75 18.35 -16.50 15.47
CA ILE C 75 18.02 -17.34 14.33
C ILE C 75 16.79 -18.15 14.66
N TYR C 76 15.77 -18.03 13.81
CA TYR C 76 14.53 -18.79 13.97
C TYR C 76 14.55 -19.95 12.98
N GLU C 77 14.50 -21.17 13.50
CA GLU C 77 14.45 -22.37 12.67
C GLU C 77 13.10 -23.05 12.89
N LEU C 78 12.29 -23.10 11.83
CA LEU C 78 10.95 -23.63 11.91
C LEU C 78 11.01 -25.16 11.94
N LYS C 79 10.46 -25.76 12.99
CA LYS C 79 10.44 -27.22 13.10
C LYS C 79 9.20 -27.79 12.42
N GLU C 80 9.23 -29.11 12.18
CA GLU C 80 8.12 -29.82 11.54
C GLU C 80 6.82 -29.71 12.34
N ASP C 81 6.93 -29.69 13.67
CA ASP C 81 5.76 -29.50 14.53
C ASP C 81 5.31 -28.03 14.61
N LYS C 82 5.98 -27.16 13.87
CA LYS C 82 5.63 -25.74 13.71
C LYS C 82 6.01 -24.84 14.90
N SER C 83 6.79 -25.37 15.84
CA SER C 83 7.44 -24.54 16.84
C SER C 83 8.78 -24.08 16.27
N TYR C 84 9.35 -23.03 16.87
CA TYR C 84 10.66 -22.54 16.45
C TYR C 84 11.74 -22.98 17.43
N ASN C 85 12.85 -23.46 16.88
CA ASN C 85 14.11 -23.52 17.62
CA ASN C 85 14.10 -23.52 17.63
C ASN C 85 14.75 -22.15 17.48
N VAL C 86 14.87 -21.42 18.58
CA VAL C 86 15.36 -20.06 18.54
C VAL C 86 16.73 -19.97 19.20
N THR C 87 17.72 -19.56 18.41
CA THR C 87 19.10 -19.43 18.90
C THR C 87 19.58 -18.00 18.78
N SER C 88 19.93 -17.40 19.91
CA SER C 88 20.56 -16.08 19.92
C SER C 88 22.06 -16.23 20.11
N VAL C 89 22.81 -15.52 19.29
CA VAL C 89 24.28 -15.56 19.31
C VAL C 89 24.79 -14.18 19.71
N LEU C 90 25.50 -14.11 20.84
CA LEU C 90 26.03 -12.85 21.37
C LEU C 90 27.54 -12.93 21.58
N PHE C 91 28.21 -11.79 21.48
CA PHE C 91 29.64 -11.68 21.76
C PHE C 91 29.82 -11.05 23.14
N ARG C 92 30.17 -11.89 24.12
CA ARG C 92 30.30 -11.45 25.52
C ARG C 92 31.51 -12.10 26.19
N LYS C 93 32.31 -11.29 26.87
CA LYS C 93 33.51 -11.74 27.58
C LYS C 93 34.47 -12.49 26.65
N LYS C 94 34.70 -11.91 25.48
CA LYS C 94 35.59 -12.48 24.45
C LYS C 94 35.18 -13.87 23.95
N LYS C 95 33.89 -14.20 24.12
CA LYS C 95 33.36 -15.50 23.69
C LYS C 95 32.02 -15.34 22.99
N CYS C 96 31.72 -16.30 22.12
CA CYS C 96 30.40 -16.40 21.50
C CYS C 96 29.47 -17.14 22.45
N ASP C 97 28.47 -16.43 22.96
CA ASP C 97 27.46 -17.00 23.84
C ASP C 97 26.25 -17.41 23.01
N TYR C 98 25.69 -18.58 23.32
CA TYR C 98 24.55 -19.10 22.59
C TYR C 98 23.38 -19.31 23.55
N TRP C 99 22.28 -18.61 23.27
CA TRP C 99 21.07 -18.70 24.08
C TRP C 99 19.99 -19.38 23.22
N ILE C 100 19.67 -20.61 23.57
CA ILE C 100 18.82 -21.46 22.74
C ILE C 100 17.56 -21.86 23.50
N ARG C 101 16.40 -21.63 22.87
CA ARG C 101 15.11 -21.96 23.48
C ARG C 101 14.06 -22.24 22.40
N THR C 102 12.91 -22.74 22.83
CA THR C 102 11.84 -23.15 21.93
C THR C 102 10.63 -22.24 22.06
N PHE C 103 10.16 -21.73 20.92
CA PHE C 103 8.95 -20.92 20.86
C PHE C 103 7.81 -21.79 20.31
N VAL C 104 6.82 -22.07 21.14
CA VAL C 104 5.67 -22.88 20.76
C VAL C 104 4.54 -21.96 20.29
N PRO C 105 3.84 -22.33 19.21
CA PRO C 105 2.73 -21.50 18.72
C PRO C 105 1.70 -21.19 19.81
N GLY C 106 1.37 -19.91 19.95
CA GLY C 106 0.43 -19.45 20.97
C GLY C 106 -1.00 -19.44 20.47
N SER C 107 -1.84 -18.63 21.13
CA SER C 107 -3.27 -18.58 20.83
C SER C 107 -3.59 -18.03 19.44
N GLN C 108 -2.71 -17.16 18.92
CA GLN C 108 -2.89 -16.53 17.61
CA GLN C 108 -2.90 -16.55 17.61
C GLN C 108 -1.62 -16.67 16.78
N PRO C 109 -1.76 -16.81 15.44
CA PRO C 109 -0.55 -16.84 14.61
C PRO C 109 0.29 -15.59 14.79
N GLY C 110 1.59 -15.77 15.03
CA GLY C 110 2.48 -14.66 15.33
C GLY C 110 2.74 -14.51 16.82
N GLU C 111 2.01 -15.26 17.64
CA GLU C 111 2.24 -15.33 19.08
C GLU C 111 2.86 -16.66 19.45
N PHE C 112 3.74 -16.63 20.45
CA PHE C 112 4.41 -17.83 20.91
C PHE C 112 4.59 -17.85 22.42
N THR C 113 4.60 -19.06 22.97
CA THR C 113 4.95 -19.28 24.37
C THR C 113 6.30 -19.98 24.40
N LEU C 114 6.92 -20.01 25.58
CA LEU C 114 8.22 -20.63 25.74
C LEU C 114 8.03 -22.11 26.05
N GLY C 115 8.68 -22.97 25.27
CA GLY C 115 8.65 -24.41 25.51
C GLY C 115 9.46 -24.78 26.74
N ASN C 116 8.99 -25.78 27.48
CA ASN C 116 9.67 -26.27 28.68
C ASN C 116 9.96 -25.13 29.68
N ILE C 117 8.93 -24.35 29.99
CA ILE C 117 9.08 -23.19 30.88
C ILE C 117 9.49 -23.59 32.30
N LYS C 118 9.09 -24.79 32.73
CA LYS C 118 9.41 -25.30 34.07
C LYS C 118 10.91 -25.48 34.29
N SER C 119 11.67 -25.66 33.22
CA SER C 119 13.12 -25.81 33.29
C SER C 119 13.85 -24.46 33.48
N TYR C 120 13.13 -23.35 33.33
CA TYR C 120 13.69 -22.02 33.55
C TYR C 120 13.36 -21.56 34.97
N PRO C 121 14.38 -21.47 35.86
CA PRO C 121 14.11 -21.17 37.26
C PRO C 121 13.55 -19.77 37.50
N GLY C 122 12.43 -19.69 38.21
CA GLY C 122 11.77 -18.41 38.51
C GLY C 122 10.78 -17.94 37.45
N LEU C 123 10.87 -18.50 36.25
CA LEU C 123 10.04 -18.07 35.13
C LEU C 123 8.66 -18.73 35.19
N THR C 124 7.63 -17.92 35.36
CA THR C 124 6.25 -18.43 35.40
C THR C 124 5.45 -18.08 34.15
N SER C 125 5.94 -17.13 33.36
CA SER C 125 5.23 -16.72 32.15
C SER C 125 6.18 -16.18 31.09
N TYR C 126 5.87 -16.44 29.84
CA TYR C 126 6.64 -15.95 28.71
C TYR C 126 5.77 -15.85 27.45
N LEU C 127 5.65 -14.65 26.90
CA LEU C 127 4.85 -14.44 25.70
C LEU C 127 5.67 -13.70 24.67
N VAL C 128 5.54 -14.14 23.41
CA VAL C 128 6.12 -13.47 22.27
C VAL C 128 4.98 -13.06 21.34
N ARG C 129 5.04 -11.83 20.84
CA ARG C 129 4.07 -11.36 19.85
C ARG C 129 4.80 -10.59 18.77
N VAL C 130 4.75 -11.10 17.53
CA VAL C 130 5.33 -10.40 16.40
C VAL C 130 4.40 -9.25 16.06
N VAL C 131 4.90 -8.03 16.21
CA VAL C 131 4.09 -6.83 16.05
C VAL C 131 3.91 -6.49 14.58
N SER C 132 5.02 -6.41 13.85
CA SER C 132 5.00 -6.14 12.43
C SER C 132 6.25 -6.69 11.77
N THR C 133 6.12 -7.09 10.51
CA THR C 133 7.25 -7.55 9.73
C THR C 133 6.92 -7.56 8.24
N ASN C 134 7.93 -7.34 7.40
CA ASN C 134 7.81 -7.60 5.97
C ASN C 134 8.66 -8.81 5.55
N TYR C 135 9.21 -9.51 6.54
CA TYR C 135 9.86 -10.83 6.37
C TYR C 135 11.26 -10.82 5.72
N ASN C 136 11.48 -9.96 4.72
CA ASN C 136 12.76 -9.94 4.01
CA ASN C 136 12.73 -9.91 3.97
C ASN C 136 13.65 -8.74 4.35
N GLN C 137 13.16 -7.84 5.22
CA GLN C 137 13.97 -6.69 5.64
C GLN C 137 13.95 -6.44 7.15
N HIS C 138 12.74 -6.32 7.72
CA HIS C 138 12.62 -5.91 9.12
C HIS C 138 11.45 -6.57 9.85
N ALA C 139 11.55 -6.56 11.17
CA ALA C 139 10.50 -7.06 12.04
C ALA C 139 10.53 -6.35 13.38
N MET C 140 9.38 -6.29 14.02
CA MET C 140 9.27 -5.75 15.37
C MET C 140 8.57 -6.83 16.19
N VAL C 141 9.19 -7.24 17.28
CA VAL C 141 8.66 -8.33 18.11
C VAL C 141 8.59 -7.91 19.57
N PHE C 142 7.45 -8.19 20.19
CA PHE C 142 7.21 -7.87 21.60
C PHE C 142 7.38 -9.13 22.43
N PHE C 143 8.10 -9.01 23.54
CA PHE C 143 8.30 -10.10 24.48
C PHE C 143 7.86 -9.67 25.87
N LYS C 144 7.21 -10.57 26.59
CA LYS C 144 6.80 -10.32 27.96
C LYS C 144 7.02 -11.56 28.81
N LYS C 145 7.72 -11.42 29.93
CA LYS C 145 7.96 -12.53 30.84
C LYS C 145 7.73 -12.12 32.28
N VAL C 146 7.30 -13.09 33.09
CA VAL C 146 7.20 -12.90 34.53
C VAL C 146 8.24 -13.81 35.18
N SER C 147 9.25 -13.21 35.78
CA SER C 147 10.33 -13.92 36.46
C SER C 147 10.40 -13.42 37.90
N GLN C 148 10.36 -14.36 38.85
CA GLN C 148 10.26 -14.03 40.28
C GLN C 148 9.11 -13.05 40.53
N ASN C 149 7.96 -13.32 39.90
CA ASN C 149 6.77 -12.47 39.99
C ASN C 149 6.98 -11.00 39.61
N ARG C 150 8.01 -10.72 38.81
CA ARG C 150 8.27 -9.38 38.28
C ARG C 150 8.04 -9.43 36.77
N GLU C 151 7.28 -8.46 36.26
CA GLU C 151 6.88 -8.47 34.85
C GLU C 151 7.83 -7.64 34.00
N TYR C 152 8.66 -8.33 33.21
CA TYR C 152 9.57 -7.69 32.27
C TYR C 152 8.97 -7.73 30.87
N PHE C 153 9.22 -6.68 30.10
CA PHE C 153 8.89 -6.71 28.69
C PHE C 153 9.98 -6.04 27.88
N LYS C 154 10.09 -6.46 26.63
CA LYS C 154 11.00 -5.82 25.70
C LYS C 154 10.41 -5.85 24.31
N ILE C 155 10.84 -4.89 23.50
CA ILE C 155 10.49 -4.84 22.11
C ILE C 155 11.78 -4.93 21.33
N THR C 156 11.75 -5.72 20.28
CA THR C 156 12.93 -6.03 19.53
C THR C 156 12.71 -5.51 18.10
N LEU C 157 13.72 -4.84 17.54
CA LEU C 157 13.69 -4.39 16.17
C LEU C 157 14.66 -5.24 15.37
N TYR C 158 14.13 -6.11 14.52
CA TYR C 158 14.92 -7.07 13.77
C TYR C 158 15.25 -6.54 12.38
N GLY C 159 16.48 -6.79 11.94
CA GLY C 159 16.90 -6.52 10.56
C GLY C 159 17.56 -7.75 9.97
N ARG C 160 17.33 -7.99 8.68
CA ARG C 160 18.00 -9.10 8.00
C ARG C 160 19.45 -8.72 7.67
N THR C 161 19.72 -7.42 7.66
CA THR C 161 21.09 -6.90 7.65
C THR C 161 21.34 -6.18 8.98
N LYS C 162 22.59 -5.78 9.21
CA LYS C 162 22.97 -5.09 10.44
C LYS C 162 22.52 -3.62 10.48
N GLU C 163 22.03 -3.11 9.36
CA GLU C 163 21.57 -1.73 9.25
C GLU C 163 20.11 -1.67 8.84
N LEU C 164 19.40 -0.68 9.36
CA LEU C 164 18.02 -0.37 8.92
C LEU C 164 17.86 1.13 8.73
N THR C 165 16.82 1.51 8.00
CA THR C 165 16.59 2.91 7.69
C THR C 165 16.24 3.74 8.92
N SER C 166 16.47 5.04 8.83
CA SER C 166 16.05 5.98 9.86
C SER C 166 14.55 5.92 10.11
N GLU C 167 13.79 5.70 9.04
CA GLU C 167 12.33 5.60 9.14
C GLU C 167 11.92 4.45 10.05
N LEU C 168 12.51 3.28 9.84
CA LEU C 168 12.20 2.10 10.64
C LEU C 168 12.62 2.29 12.09
N LYS C 169 13.80 2.87 12.31
CA LYS C 169 14.30 3.13 13.66
C LYS C 169 13.40 4.11 14.40
N GLU C 170 13.02 5.19 13.73
CA GLU C 170 12.12 6.19 14.32
C GLU C 170 10.74 5.62 14.66
N ASN C 171 10.24 4.75 13.78
CA ASN C 171 8.98 4.04 14.05
CA ASN C 171 8.98 4.05 14.06
C ASN C 171 9.10 3.19 15.32
N PHE C 172 10.24 2.52 15.47
CA PHE C 172 10.53 1.68 16.63
C PHE C 172 10.60 2.51 17.92
N ILE C 173 11.23 3.67 17.85
CA ILE C 173 11.28 4.60 18.98
C ILE C 173 9.87 5.07 19.33
N ARG C 174 9.10 5.45 18.30
CA ARG C 174 7.70 5.86 18.48
C ARG C 174 6.87 4.77 19.16
N PHE C 175 7.01 3.54 18.67
CA PHE C 175 6.26 2.41 19.23
C PHE C 175 6.69 2.13 20.67
N SER C 176 8.00 2.13 20.91
CA SER C 176 8.53 1.90 22.24
C SER C 176 8.01 2.92 23.25
N LYS C 177 8.02 4.20 22.87
CA LYS C 177 7.47 5.27 23.71
C LYS C 177 5.98 5.11 23.98
N SER C 178 5.24 4.61 22.98
CA SER C 178 3.80 4.37 23.12
C SER C 178 3.48 3.26 24.13
N LEU C 179 4.47 2.41 24.42
CA LEU C 179 4.34 1.39 25.47
C LEU C 179 4.84 1.89 26.82
N GLY C 180 5.17 3.18 26.91
CA GLY C 180 5.55 3.81 28.17
C GLY C 180 7.04 3.80 28.48
N LEU C 181 7.87 3.54 27.48
CA LEU C 181 9.32 3.50 27.68
C LEU C 181 9.98 4.84 27.35
N PRO C 182 10.79 5.38 28.27
CA PRO C 182 11.54 6.59 27.96
C PRO C 182 12.77 6.28 27.09
N GLU C 183 13.36 7.31 26.51
CA GLU C 183 14.49 7.16 25.58
C GLU C 183 15.68 6.38 26.14
N ASN C 184 15.94 6.53 27.44
CA ASN C 184 17.05 5.82 28.08
C ASN C 184 16.81 4.31 28.21
N HIS C 185 15.59 3.86 27.94
CA HIS C 185 15.28 2.43 27.87
C HIS C 185 15.18 1.92 26.43
N ILE C 186 15.64 2.74 25.47
CA ILE C 186 15.64 2.37 24.06
C ILE C 186 17.08 2.40 23.55
N VAL C 187 17.56 1.25 23.09
CA VAL C 187 18.96 1.07 22.73
C VAL C 187 19.10 0.58 21.29
N PHE C 188 20.15 1.03 20.61
CA PHE C 188 20.48 0.57 19.27
C PHE C 188 21.86 -0.09 19.30
N PRO C 189 21.88 -1.43 19.44
CA PRO C 189 23.13 -2.17 19.56
C PRO C 189 24.12 -1.88 18.43
N VAL C 190 25.39 -1.69 18.78
CA VAL C 190 26.43 -1.37 17.81
C VAL C 190 26.75 -2.62 16.96
N PRO C 191 26.75 -2.48 15.63
CA PRO C 191 27.10 -3.60 14.76
C PRO C 191 28.51 -4.13 15.04
N ILE C 192 28.65 -5.46 15.03
CA ILE C 192 29.95 -6.11 15.18
C ILE C 192 30.09 -7.24 14.17
N ASP C 193 31.30 -7.77 14.04
CA ASP C 193 31.59 -8.89 13.14
C ASP C 193 31.79 -10.21 13.88
N GLN C 194 32.17 -10.16 15.16
CA GLN C 194 32.43 -11.36 15.95
C GLN C 194 31.13 -12.13 16.22
N CYS C 195 31.20 -13.45 16.03
CA CYS C 195 30.12 -14.39 16.39
C CYS C 195 28.86 -14.34 15.53
N ILE C 196 28.28 -13.15 15.38
CA ILE C 196 26.94 -13.01 14.80
C ILE C 196 26.85 -13.23 13.29
N ASP C 197 28.00 -13.20 12.60
CA ASP C 197 28.06 -13.53 11.17
C ASP C 197 28.51 -14.97 10.97
#